data_1CQQ
#
_entry.id   1CQQ
#
_cell.length_a   34.3
_cell.length_b   65.7
_cell.length_c   77.9
_cell.angle_alpha   90.
_cell.angle_beta   90.
_cell.angle_gamma   90.
#
_symmetry.space_group_name_H-M   'P 21 21 21'
#
loop_
_entity.id
_entity.type
_entity.pdbx_description
1 polymer 'TYPE 2 RHINOVIRUS 3C PROTEASE'
2 non-polymer '4-{2-(4-FLUORO-BENZYL)-6-METHYL-5-[(5-METHYL-ISOXAZOLE-3-CARBONYL)-AMINO]-4-OXO-HEPTANOYLAMINO}-5-(2-OXO-PYRROLIDIN-3-YL)-PENTANOIC ACID ETHYL ESTER'
3 water water
#
_entity_poly.entity_id   1
_entity_poly.type   'polypeptide(L)'
_entity_poly.pdbx_seq_one_letter_code
;GPEEEFGMSLIKHNSCVITTENGKFTGLGVYDRFVVVPTHADPGKEIQVDGITTKVIDSYDLYNKNGIKLEITVLKLDRN
EKFRDIRRYIPNNEDDYPNCNLALLANQPEPTIINVGDVVSYGNILLSGNQTARMLKYSYPTKSGYCGGVLYKIGQVLGI
HVGGNGRDGFSAMLLRSYFT
;
_entity_poly.pdbx_strand_id   A
#
loop_
_chem_comp.id
_chem_comp.type
_chem_comp.name
_chem_comp.formula
AG7 non-polymer '4-{2-(4-FLUORO-BENZYL)-6-METHYL-5-[(5-METHYL-ISOXAZOLE-3-CARBONYL)-AMINO]-4-OXO-HEPTANOYLAMINO}-5-(2-OXO-PYRROLIDIN-3-YL)-PENTANOIC ACID ETHYL ESTER' 'C31 H41 F N4 O7'
#
# COMPACT_ATOMS: atom_id res chain seq x y z
N GLY A 1 -13.25 14.71 -13.95
CA GLY A 1 -12.44 13.54 -14.44
C GLY A 1 -12.53 12.33 -13.53
N PRO A 2 -13.12 11.19 -13.92
CA PRO A 2 -13.48 10.11 -12.98
C PRO A 2 -12.34 9.40 -12.30
N GLU A 3 -11.23 9.21 -12.97
CA GLU A 3 -10.09 8.52 -12.33
C GLU A 3 -9.51 9.32 -11.15
N GLU A 4 -9.36 10.64 -11.29
CA GLU A 4 -8.82 11.48 -10.20
C GLU A 4 -9.84 11.52 -9.06
N GLU A 5 -11.15 11.67 -9.38
CA GLU A 5 -12.19 11.62 -8.33
C GLU A 5 -12.10 10.26 -7.65
N PHE A 6 -11.94 9.16 -8.40
CA PHE A 6 -11.82 7.82 -7.80
C PHE A 6 -10.67 7.86 -6.81
N GLY A 7 -9.57 8.47 -7.19
CA GLY A 7 -8.35 8.59 -6.35
C GLY A 7 -8.61 9.32 -5.04
N MET A 8 -9.25 10.49 -5.09
CA MET A 8 -9.56 11.23 -3.84
C MET A 8 -10.55 10.43 -3.02
N SER A 9 -11.51 9.79 -3.67
CA SER A 9 -12.49 8.93 -2.92
C SER A 9 -11.83 7.79 -2.15
N LEU A 10 -10.92 7.13 -2.82
CA LEU A 10 -10.14 6.05 -2.22
C LEU A 10 -9.38 6.67 -1.03
N ILE A 11 -8.79 7.87 -1.06
CA ILE A 11 -8.09 8.41 0.15
C ILE A 11 -9.09 8.72 1.30
N LYS A 12 -10.26 9.27 0.94
CA LYS A 12 -11.28 9.64 1.95
C LYS A 12 -11.76 8.46 2.70
N HIS A 13 -12.21 7.49 1.97
CA HIS A 13 -12.75 6.27 2.57
C HIS A 13 -11.81 5.17 2.97
N ASN A 14 -10.74 4.97 2.21
CA ASN A 14 -9.85 3.83 2.51
C ASN A 14 -8.45 4.11 2.94
N SER A 15 -8.09 5.34 3.00
CA SER A 15 -6.74 5.66 3.43
C SER A 15 -6.70 6.27 4.85
N CYS A 16 -5.52 6.16 5.52
CA CYS A 16 -5.21 6.67 6.86
C CYS A 16 -3.70 6.78 7.13
N VAL A 17 -3.24 7.55 8.09
CA VAL A 17 -1.79 7.65 8.40
C VAL A 17 -1.52 6.69 9.52
N ILE A 18 -0.85 5.59 9.24
CA ILE A 18 -0.46 4.61 10.25
C ILE A 18 0.88 5.09 10.82
N THR A 19 1.02 5.29 12.13
CA THR A 19 2.29 5.72 12.74
C THR A 19 2.87 4.58 13.56
N THR A 20 4.14 4.24 13.35
CA THR A 20 4.83 3.19 14.17
C THR A 20 6.17 3.73 14.69
N GLU A 21 7.03 2.93 15.29
CA GLU A 21 8.39 3.39 15.75
C GLU A 21 9.27 3.78 14.54
N ASN A 22 9.02 3.20 13.36
CA ASN A 22 9.77 3.55 12.11
C ASN A 22 9.32 4.88 11.42
N GLY A 23 8.18 5.48 11.85
CA GLY A 23 7.70 6.77 11.28
C GLY A 23 6.25 6.73 10.80
N LYS A 24 5.79 7.64 9.97
CA LYS A 24 4.38 7.56 9.50
C LYS A 24 4.26 6.95 8.11
N PHE A 25 3.28 6.08 7.93
CA PHE A 25 3.05 5.35 6.64
C PHE A 25 1.61 5.49 6.09
N THR A 26 1.35 5.45 4.78
CA THR A 26 -0.06 5.50 4.35
C THR A 26 -0.64 4.07 4.53
N GLY A 27 -1.65 3.95 5.37
CA GLY A 27 -2.30 2.66 5.57
C GLY A 27 -3.45 2.55 4.60
N LEU A 28 -3.71 1.39 4.10
CA LEU A 28 -4.83 1.17 3.18
C LEU A 28 -5.82 0.25 3.82
N GLY A 29 -6.98 0.78 4.16
CA GLY A 29 -8.05 -0.06 4.74
C GLY A 29 -8.66 -0.93 3.66
N VAL A 30 -8.59 -2.23 3.78
CA VAL A 30 -9.11 -3.13 2.70
C VAL A 30 -10.57 -3.59 2.88
N TYR A 31 -10.99 -3.92 4.10
CA TYR A 31 -12.33 -4.36 4.49
C TYR A 31 -12.40 -4.56 6.02
N ASP A 32 -13.61 -4.49 6.59
CA ASP A 32 -13.85 -4.60 8.05
C ASP A 32 -12.76 -3.83 8.85
N ARG A 33 -11.91 -4.37 9.71
CA ARG A 33 -10.91 -3.49 10.37
C ARG A 33 -9.49 -3.89 9.97
N PHE A 34 -9.39 -4.43 8.73
CA PHE A 34 -8.09 -4.88 8.15
C PHE A 34 -7.41 -3.80 7.35
N VAL A 35 -6.16 -3.52 7.57
CA VAL A 35 -5.47 -2.46 6.84
C VAL A 35 -4.10 -2.99 6.39
N VAL A 36 -3.50 -2.50 5.29
CA VAL A 36 -2.13 -2.98 4.93
C VAL A 36 -1.13 -1.85 5.02
N VAL A 37 0.05 -2.19 5.45
CA VAL A 37 1.14 -1.22 5.52
C VAL A 37 2.37 -1.91 4.92
N PRO A 38 3.38 -1.17 4.49
CA PRO A 38 4.62 -1.86 4.14
C PRO A 38 5.11 -2.71 5.29
N THR A 39 5.64 -3.89 5.04
CA THR A 39 6.21 -4.69 6.14
C THR A 39 7.31 -3.91 6.86
N HIS A 40 8.09 -3.08 6.19
CA HIS A 40 9.16 -2.34 6.86
C HIS A 40 8.56 -1.23 7.75
N ALA A 41 7.24 -1.07 7.76
CA ALA A 41 6.63 -0.08 8.70
C ALA A 41 6.87 -0.66 10.08
N ASP A 42 6.89 -1.98 10.14
CA ASP A 42 7.15 -2.79 11.37
C ASP A 42 6.23 -2.47 12.55
N PRO A 43 4.92 -2.68 12.31
CA PRO A 43 3.86 -2.38 13.33
C PRO A 43 3.90 -3.13 14.65
N GLY A 44 3.98 -2.48 15.79
CA GLY A 44 4.04 -3.26 17.06
C GLY A 44 2.69 -3.65 17.67
N LYS A 45 2.59 -3.81 18.99
CA LYS A 45 1.29 -4.18 19.68
C LYS A 45 0.18 -3.13 19.53
N GLU A 46 0.62 -1.88 19.48
CA GLU A 46 -0.21 -0.72 19.22
C GLU A 46 0.50 0.16 18.19
N ILE A 47 -0.30 0.77 17.37
CA ILE A 47 0.13 1.70 16.31
C ILE A 47 -0.78 2.93 16.47
N GLN A 48 -0.48 4.04 15.85
CA GLN A 48 -1.40 5.17 15.91
C GLN A 48 -2.15 5.19 14.55
N VAL A 49 -3.47 5.20 14.49
CA VAL A 49 -4.19 5.33 13.20
C VAL A 49 -4.75 6.75 13.19
N ASP A 50 -4.17 7.60 12.36
CA ASP A 50 -4.54 9.04 12.20
C ASP A 50 -4.39 9.78 13.52
N GLY A 51 -3.34 9.38 14.23
CA GLY A 51 -3.05 9.96 15.53
C GLY A 51 -3.66 9.26 16.77
N ILE A 52 -4.58 8.33 16.60
CA ILE A 52 -5.28 7.58 17.67
C ILE A 52 -4.58 6.27 18.04
N THR A 53 -4.00 6.13 19.22
CA THR A 53 -3.35 4.86 19.61
C THR A 53 -4.35 3.74 19.50
N THR A 54 -4.02 2.74 18.73
CA THR A 54 -4.84 1.59 18.43
C THR A 54 -4.10 0.29 18.65
N LYS A 55 -4.76 -0.63 19.28
CA LYS A 55 -4.19 -1.96 19.55
C LYS A 55 -4.31 -2.85 18.32
N VAL A 56 -3.26 -3.52 17.87
CA VAL A 56 -3.51 -4.41 16.70
C VAL A 56 -3.75 -5.83 17.23
N ILE A 57 -4.93 -6.39 16.95
CA ILE A 57 -5.27 -7.76 17.40
C ILE A 57 -4.32 -8.86 16.80
N ASP A 58 -4.03 -8.80 15.51
CA ASP A 58 -3.12 -9.71 14.80
C ASP A 58 -2.38 -8.98 13.69
N SER A 59 -1.22 -9.47 13.37
CA SER A 59 -0.27 -8.90 12.37
C SER A 59 0.18 -10.05 11.50
N TYR A 60 -0.10 -10.03 10.22
CA TYR A 60 0.28 -11.13 9.29
C TYR A 60 1.24 -10.67 8.19
N ASP A 61 2.55 -10.95 8.26
CA ASP A 61 3.48 -10.53 7.15
C ASP A 61 3.26 -11.45 5.93
N LEU A 62 2.92 -10.89 4.80
CA LEU A 62 2.66 -11.68 3.56
C LEU A 62 3.91 -12.19 2.80
N TYR A 63 3.98 -13.47 2.52
CA TYR A 63 5.14 -14.15 1.83
C TYR A 63 4.68 -14.99 0.63
N ASN A 64 5.46 -15.10 -0.46
CA ASN A 64 5.05 -15.96 -1.60
C ASN A 64 5.24 -17.44 -1.29
N LYS A 65 4.92 -18.36 -2.18
CA LYS A 65 5.07 -19.81 -1.86
C LYS A 65 6.48 -20.31 -1.56
N ASN A 66 7.51 -19.64 -2.02
CA ASN A 66 8.92 -20.06 -1.83
C ASN A 66 9.57 -19.36 -0.71
N GLY A 67 8.78 -18.93 0.26
CA GLY A 67 9.34 -18.19 1.42
C GLY A 67 9.84 -16.75 1.19
N ILE A 68 9.70 -16.10 0.03
CA ILE A 68 10.18 -14.71 -0.09
C ILE A 68 9.12 -13.70 0.38
N LYS A 69 9.53 -12.63 1.05
CA LYS A 69 8.57 -11.63 1.50
C LYS A 69 7.92 -10.86 0.36
N LEU A 70 6.64 -10.47 0.52
CA LEU A 70 5.91 -9.66 -0.47
C LEU A 70 5.95 -8.16 -0.10
N GLU A 71 6.42 -7.91 1.13
CA GLU A 71 6.56 -6.57 1.74
C GLU A 71 5.23 -5.88 2.06
N ILE A 72 4.28 -6.73 2.27
CA ILE A 72 2.90 -6.35 2.63
C ILE A 72 2.65 -6.96 4.03
N THR A 73 2.12 -6.19 4.98
CA THR A 73 1.78 -6.74 6.28
C THR A 73 0.28 -6.43 6.44
N VAL A 74 -0.54 -7.44 6.73
CA VAL A 74 -1.98 -7.25 6.98
C VAL A 74 -2.24 -7.09 8.50
N LEU A 75 -2.78 -5.93 8.86
CA LEU A 75 -3.12 -5.59 10.27
C LEU A 75 -4.59 -5.74 10.62
N LYS A 76 -4.90 -6.42 11.70
CA LYS A 76 -6.31 -6.51 12.14
C LYS A 76 -6.52 -5.58 13.35
N LEU A 77 -7.01 -4.37 13.11
CA LEU A 77 -7.24 -3.35 14.16
C LEU A 77 -8.40 -3.48 15.18
N ASP A 78 -8.07 -3.04 16.41
CA ASP A 78 -9.07 -3.07 17.52
C ASP A 78 -9.69 -1.74 17.50
N ARG A 79 -10.80 -1.63 16.81
CA ARG A 79 -11.47 -0.35 16.73
C ARG A 79 -12.83 -0.50 16.12
N ASN A 80 -13.69 0.42 16.53
CA ASN A 80 -15.06 0.37 16.03
C ASN A 80 -15.24 0.63 14.54
N GLU A 81 -14.62 1.69 14.03
CA GLU A 81 -14.76 1.99 12.60
C GLU A 81 -14.42 0.79 11.67
N LYS A 82 -15.33 0.62 10.70
CA LYS A 82 -15.20 -0.40 9.66
C LYS A 82 -14.88 0.31 8.37
N PHE A 83 -13.94 -0.28 7.60
CA PHE A 83 -13.54 0.31 6.30
C PHE A 83 -14.45 -0.15 5.15
N ARG A 84 -14.71 0.68 4.16
CA ARG A 84 -15.53 0.24 2.99
C ARG A 84 -14.83 -0.97 2.34
N ASP A 85 -15.56 -1.95 1.82
CA ASP A 85 -14.89 -3.11 1.24
C ASP A 85 -14.25 -2.85 -0.12
N ILE A 86 -12.98 -2.43 -0.29
CA ILE A 86 -12.45 -2.21 -1.69
C ILE A 86 -11.95 -3.47 -2.44
N ARG A 87 -12.11 -4.65 -1.85
CA ARG A 87 -11.64 -5.90 -2.45
C ARG A 87 -12.05 -6.10 -3.88
N ARG A 88 -13.25 -5.70 -4.25
CA ARG A 88 -13.68 -5.86 -5.64
C ARG A 88 -12.80 -5.09 -6.61
N TYR A 89 -12.03 -4.12 -6.13
CA TYR A 89 -11.10 -3.37 -7.01
C TYR A 89 -9.74 -4.05 -7.15
N ILE A 90 -9.47 -5.04 -6.33
CA ILE A 90 -8.18 -5.72 -6.35
C ILE A 90 -8.09 -6.82 -7.43
N PRO A 91 -6.99 -6.73 -8.25
CA PRO A 91 -6.73 -7.73 -9.28
C PRO A 91 -6.54 -9.15 -8.72
N ASN A 92 -6.93 -10.14 -9.48
CA ASN A 92 -6.73 -11.54 -9.09
C ASN A 92 -5.38 -12.01 -9.52
N ASN A 93 -4.81 -11.45 -10.58
CA ASN A 93 -3.51 -11.93 -11.06
C ASN A 93 -2.45 -10.90 -11.34
N GLU A 94 -1.15 -11.30 -11.54
CA GLU A 94 -0.14 -10.27 -11.85
C GLU A 94 -0.34 -9.76 -13.22
N ASP A 95 0.04 -8.54 -13.44
CA ASP A 95 -0.16 -7.95 -14.77
C ASP A 95 0.59 -6.66 -14.91
N ASP A 96 0.58 -6.06 -16.07
CA ASP A 96 1.23 -4.75 -16.30
C ASP A 96 0.16 -3.64 -16.34
N TYR A 97 0.38 -2.38 -16.09
CA TYR A 97 -0.76 -1.43 -16.17
C TYR A 97 -0.26 -0.08 -16.60
N PRO A 98 -0.68 0.33 -17.81
CA PRO A 98 -0.26 1.61 -18.33
C PRO A 98 -0.87 2.75 -17.54
N ASN A 99 -0.24 3.90 -17.57
CA ASN A 99 -0.75 5.14 -16.94
C ASN A 99 -1.36 5.05 -15.57
N CYS A 100 -0.60 4.61 -14.60
CA CYS A 100 -1.08 4.46 -13.20
C CYS A 100 -0.87 5.65 -12.29
N ASN A 101 -1.51 5.69 -11.13
CA ASN A 101 -1.32 6.82 -10.22
C ASN A 101 -0.98 6.36 -8.84
N LEU A 102 -0.43 7.27 -8.07
CA LEU A 102 -0.07 6.96 -6.66
C LEU A 102 -0.84 7.91 -5.68
N ALA A 103 -1.67 7.34 -4.81
CA ALA A 103 -2.45 8.11 -3.82
C ALA A 103 -1.70 8.21 -2.52
N LEU A 104 -1.15 9.37 -2.28
CA LEU A 104 -0.40 9.64 -1.02
C LEU A 104 -1.11 10.39 0.17
N LEU A 105 -0.90 9.95 1.39
CA LEU A 105 -1.53 10.64 2.54
C LEU A 105 -0.47 10.97 3.58
N ALA A 106 0.14 9.97 4.19
CA ALA A 106 1.18 10.23 5.20
C ALA A 106 2.34 11.04 4.66
N ASN A 107 2.99 11.78 5.53
CA ASN A 107 4.16 12.65 5.20
C ASN A 107 3.84 13.71 4.13
N GLN A 108 2.60 13.82 3.70
CA GLN A 108 2.20 14.82 2.71
C GLN A 108 1.49 15.96 3.38
N PRO A 109 1.69 17.23 2.97
CA PRO A 109 0.81 18.35 3.44
C PRO A 109 -0.67 18.07 3.39
N GLU A 110 -1.12 17.28 2.43
CA GLU A 110 -2.53 16.90 2.24
C GLU A 110 -2.71 15.68 1.30
N PRO A 111 -3.88 15.01 1.22
CA PRO A 111 -4.01 13.90 0.25
C PRO A 111 -3.50 14.37 -1.13
N THR A 112 -2.57 13.67 -1.69
CA THR A 112 -1.95 14.01 -2.98
C THR A 112 -2.04 12.86 -3.98
N ILE A 113 -2.33 13.15 -5.24
CA ILE A 113 -2.42 12.12 -6.35
C ILE A 113 -1.21 12.32 -7.30
N ILE A 114 -0.26 11.39 -7.43
CA ILE A 114 0.89 11.61 -8.32
C ILE A 114 0.79 10.68 -9.53
N ASN A 115 0.94 11.09 -10.80
CA ASN A 115 0.86 10.09 -11.93
C ASN A 115 2.27 9.51 -12.26
N VAL A 116 2.44 8.26 -11.93
CA VAL A 116 3.74 7.61 -12.12
C VAL A 116 3.97 6.93 -13.48
N GLY A 117 3.01 7.05 -14.39
CA GLY A 117 3.13 6.44 -15.71
C GLY A 117 2.88 4.95 -15.77
N ASP A 118 3.45 4.30 -16.77
CA ASP A 118 3.31 2.85 -16.97
C ASP A 118 3.96 1.97 -15.93
N VAL A 119 3.25 0.94 -15.56
CA VAL A 119 3.67 -0.05 -14.57
C VAL A 119 3.81 -1.47 -15.07
N VAL A 120 4.93 -2.04 -14.69
CA VAL A 120 5.23 -3.42 -15.08
C VAL A 120 5.46 -4.39 -13.95
N SER A 121 4.93 -5.60 -14.05
CA SER A 121 5.20 -6.67 -13.07
C SER A 121 6.71 -6.90 -13.26
N TYR A 122 7.53 -6.52 -12.32
CA TYR A 122 8.99 -6.61 -12.43
C TYR A 122 9.70 -7.79 -11.77
N GLY A 123 9.01 -8.67 -11.06
CA GLY A 123 9.65 -9.82 -10.42
C GLY A 123 10.27 -9.56 -9.04
N ASN A 124 11.34 -10.25 -8.72
CA ASN A 124 11.94 -10.01 -7.43
C ASN A 124 13.02 -8.96 -7.45
N ILE A 125 13.09 -8.14 -6.42
CA ILE A 125 14.16 -7.14 -6.33
C ILE A 125 14.80 -7.22 -4.94
N LEU A 126 15.88 -6.50 -4.75
CA LEU A 126 16.60 -6.45 -3.48
C LEU A 126 16.36 -5.05 -2.86
N LEU A 127 15.49 -4.92 -1.89
CA LEU A 127 15.22 -3.62 -1.22
C LEU A 127 16.18 -3.45 -0.05
N SER A 128 17.12 -2.53 -0.03
CA SER A 128 18.08 -2.36 1.11
C SER A 128 18.73 -3.66 1.52
N GLY A 129 19.12 -4.45 0.51
CA GLY A 129 19.72 -5.76 0.74
C GLY A 129 18.70 -6.89 0.85
N ASN A 130 17.43 -6.66 1.11
CA ASN A 130 16.39 -7.72 1.28
C ASN A 130 15.62 -8.25 0.08
N GLN A 131 15.67 -9.53 -0.28
CA GLN A 131 14.86 -10.00 -1.45
C GLN A 131 13.41 -9.80 -1.19
N THR A 132 12.76 -9.23 -2.18
CA THR A 132 11.29 -8.94 -2.12
C THR A 132 10.63 -9.37 -3.39
N ALA A 133 9.56 -10.10 -3.28
CA ALA A 133 8.86 -10.61 -4.44
C ALA A 133 7.64 -9.76 -4.93
N ARG A 134 7.09 -10.16 -6.08
CA ARG A 134 5.89 -9.47 -6.70
C ARG A 134 5.89 -7.93 -6.76
N MET A 135 6.99 -7.41 -7.33
CA MET A 135 7.17 -5.97 -7.48
C MET A 135 6.65 -5.22 -8.68
N LEU A 136 5.81 -4.20 -8.49
CA LEU A 136 5.35 -3.44 -9.65
C LEU A 136 6.29 -2.28 -9.79
N LYS A 137 6.85 -2.15 -10.96
CA LYS A 137 7.79 -1.07 -11.24
C LYS A 137 7.27 0.03 -12.10
N TYR A 138 7.77 1.21 -11.85
CA TYR A 138 7.42 2.39 -12.63
C TYR A 138 8.52 3.37 -12.68
N SER A 139 8.62 4.07 -13.77
CA SER A 139 9.65 5.10 -13.95
C SER A 139 9.27 6.44 -13.47
N TYR A 140 9.24 6.53 -12.15
CA TYR A 140 8.88 7.78 -11.47
C TYR A 140 9.85 8.01 -10.31
N PRO A 141 10.33 9.25 -10.14
CA PRO A 141 11.23 9.57 -9.00
C PRO A 141 10.54 9.67 -7.62
N THR A 142 9.90 8.61 -7.16
CA THR A 142 9.24 8.61 -5.83
C THR A 142 10.23 8.95 -4.73
N LYS A 143 9.75 9.60 -3.67
CA LYS A 143 10.65 10.02 -2.54
C LYS A 143 10.39 9.32 -1.20
N SER A 144 11.28 9.60 -0.30
CA SER A 144 11.09 9.05 1.07
C SER A 144 9.79 9.65 1.59
N GLY A 145 9.05 8.95 2.45
CA GLY A 145 7.76 9.49 2.91
C GLY A 145 6.60 8.94 2.10
N TYR A 146 6.84 8.42 0.87
CA TYR A 146 5.79 7.83 -0.03
C TYR A 146 5.31 6.40 0.30
N CYS A 147 6.01 5.70 1.19
CA CYS A 147 5.63 4.31 1.46
C CYS A 147 4.30 4.14 2.06
N GLY A 148 3.58 3.18 1.50
CA GLY A 148 2.20 2.89 1.89
C GLY A 148 1.25 3.48 0.86
N GLY A 149 1.75 4.39 0.02
CA GLY A 149 1.01 5.07 -1.05
C GLY A 149 0.31 4.05 -1.89
N VAL A 150 -0.94 4.30 -2.25
CA VAL A 150 -1.76 3.31 -3.00
C VAL A 150 -1.66 3.41 -4.50
N LEU A 151 -1.01 2.49 -5.13
CA LEU A 151 -0.92 2.54 -6.56
C LEU A 151 -2.30 2.26 -7.15
N TYR A 152 -2.86 3.04 -8.02
CA TYR A 152 -4.22 2.74 -8.56
C TYR A 152 -4.50 3.36 -9.94
N LYS A 153 -5.62 2.99 -10.48
CA LYS A 153 -6.16 3.49 -11.75
C LYS A 153 -7.68 3.47 -11.57
N ILE A 154 -8.53 4.13 -12.35
CA ILE A 154 -9.98 4.07 -12.08
C ILE A 154 -10.53 2.67 -11.86
N GLY A 155 -11.27 2.41 -10.76
CA GLY A 155 -11.81 1.05 -10.47
C GLY A 155 -10.74 -0.03 -10.23
N GLN A 156 -9.49 0.39 -9.95
CA GLN A 156 -8.41 -0.61 -9.72
C GLN A 156 -7.36 -0.32 -8.65
N VAL A 157 -7.36 -1.08 -7.56
CA VAL A 157 -6.37 -0.96 -6.45
C VAL A 157 -5.27 -2.02 -6.71
N LEU A 158 -4.18 -1.53 -7.32
CA LEU A 158 -3.04 -2.33 -7.76
C LEU A 158 -1.97 -2.63 -6.74
N GLY A 159 -1.57 -1.72 -5.91
CA GLY A 159 -0.54 -2.06 -4.94
C GLY A 159 -0.19 -0.94 -3.98
N ILE A 160 0.75 -1.20 -3.11
CA ILE A 160 1.19 -0.15 -2.19
C ILE A 160 2.68 0.12 -2.36
N HIS A 161 3.10 1.37 -2.50
CA HIS A 161 4.52 1.74 -2.66
C HIS A 161 5.41 1.32 -1.49
N VAL A 162 6.60 0.78 -1.79
CA VAL A 162 7.54 0.32 -0.77
C VAL A 162 9.00 0.73 -0.96
N GLY A 163 9.41 1.13 -2.13
CA GLY A 163 10.80 1.53 -2.32
C GLY A 163 11.13 2.23 -3.61
N GLY A 164 12.36 2.66 -3.72
CA GLY A 164 12.75 3.35 -4.96
C GLY A 164 14.20 3.76 -4.90
N ASN A 165 14.73 4.29 -5.99
CA ASN A 165 16.14 4.70 -6.02
C ASN A 165 16.41 6.06 -6.66
N GLY A 166 15.43 6.91 -6.61
CA GLY A 166 15.59 8.26 -7.18
C GLY A 166 15.20 8.25 -8.62
N ARG A 167 15.32 7.08 -9.24
CA ARG A 167 14.93 6.95 -10.65
C ARG A 167 13.57 6.28 -10.77
N ASP A 168 13.53 5.05 -10.29
CA ASP A 168 12.33 4.21 -10.28
C ASP A 168 11.68 4.05 -8.91
N GLY A 169 10.43 3.64 -8.95
CA GLY A 169 9.59 3.38 -7.78
C GLY A 169 9.07 1.94 -7.89
N PHE A 170 8.84 1.27 -6.78
CA PHE A 170 8.38 -0.13 -6.71
C PHE A 170 7.21 -0.30 -5.71
N SER A 171 6.19 -1.02 -6.10
CA SER A 171 5.05 -1.25 -5.20
C SER A 171 4.80 -2.69 -4.87
N ALA A 172 4.48 -3.07 -3.66
CA ALA A 172 4.15 -4.47 -3.42
C ALA A 172 2.79 -4.74 -4.00
N MET A 173 2.71 -5.72 -4.87
CA MET A 173 1.46 -6.10 -5.55
C MET A 173 0.26 -6.46 -4.65
N LEU A 174 -0.96 -5.94 -4.92
CA LEU A 174 -2.12 -6.40 -4.12
C LEU A 174 -2.90 -7.43 -4.92
N LEU A 175 -3.05 -8.61 -4.38
CA LEU A 175 -3.83 -9.66 -5.04
C LEU A 175 -5.07 -10.00 -4.22
N ARG A 176 -6.18 -10.20 -4.89
CA ARG A 176 -7.45 -10.51 -4.23
C ARG A 176 -7.45 -11.69 -3.27
N SER A 177 -6.75 -12.79 -3.66
CA SER A 177 -6.58 -14.03 -2.84
C SER A 177 -5.84 -13.80 -1.52
N TYR A 178 -5.15 -12.66 -1.35
CA TYR A 178 -4.48 -12.33 -0.07
C TYR A 178 -5.54 -11.89 0.95
N PHE A 179 -6.65 -11.30 0.51
CA PHE A 179 -7.72 -10.78 1.42
C PHE A 179 -8.95 -11.61 1.45
N THR A 180 -8.68 -12.87 1.54
CA THR A 180 -9.73 -13.87 1.54
C THR A 180 -9.39 -14.29 2.98
C01 AG7 B . 14.48 1.58 -0.34
C02 AG7 B . 14.32 1.31 1.17
O03 AG7 B . 13.50 1.79 -1.04
C04 AG7 B . 12.84 1.44 1.61
C05 AG7 B . 12.76 0.92 3.03
C06 AG7 B . 12.79 -0.54 2.96
C07 AG7 B . 11.77 -1.22 2.27
C08 AG7 B . 11.80 -2.61 2.20
C09 AG7 B . 12.83 -3.32 2.79
C10 AG7 B . 13.84 -2.66 3.46
C11 AG7 B . 13.81 -1.26 3.53
N12 AG7 B . 11.19 3.15 0.96
C13 AG7 B . 10.69 4.54 0.90
C14 AG7 B . 10.57 5.08 -0.52
C15 AG7 B . 11.93 5.26 -1.20
C16 AG7 B . 11.82 5.85 -2.58
N17 AG7 B . 12.90 6.47 -2.92
O18 AG7 B . 10.83 5.82 -3.29
C19 AG7 B . 9.35 4.69 1.69
C20 AG7 B . 9.56 4.53 3.22
C21 AG7 B . 8.76 5.59 4.02
O22 AG7 B . 8.88 5.47 5.34
O23 AG7 B . 8.13 6.48 3.49
C47 AG7 B . 12.35 2.88 1.52
O48 AG7 B . 13.06 3.81 1.90
C50 AG7 B . 8.28 6.47 6.21
C53 AG7 B . 9.00 6.40 7.57
C57 AG7 B . 15.91 1.54 -0.93
N58 AG7 B . 15.82 1.29 -2.36
C59 AG7 B . 16.17 0.16 -2.90
O60 AG7 B . 16.59 -0.71 -2.15
C78 AG7 B . 16.69 2.87 -0.84
C81 AG7 B . 18.19 2.54 -0.77
F1 AG7 B . 12.84 -4.65 2.75
C82 AG7 B . 16.31 3.87 0.26
C83 AG7 B . 13.78 6.72 -1.77
C84 AG7 B . 12.91 6.25 -0.56
C1 AG7 B . 15.99 0.00 -4.27
C2 AG7 B . 16.14 -1.24 -4.87
C3 AG7 B . 15.76 -1.00 -6.19
O4 AG7 B . 15.41 0.27 -6.35
N5 AG7 B . 15.57 0.92 -5.14
C4 AG7 B . 15.75 -1.98 -7.35
H2 AG7 B . 14.91 2.04 1.73
H3 AG7 B . 14.67 0.31 1.40
H27 AG7 B . 12.24 0.84 0.93
H28 AG7 B . 13.64 1.23 3.60
H29 AG7 B . 11.85 1.26 3.54
H30 AG7 B . 10.98 -0.67 1.79
H31 AG7 B . 11.00 -3.14 1.68
H33 AG7 B . 14.65 -3.21 3.94
H34 AG7 B . 14.64 -0.76 4.01
H49 AG7 B . 10.73 2.43 0.48
H91 AG7 B . 11.40 5.20 1.40
H35 AG7 B . 9.93 4.41 -1.11
H36 AG7 B . 10.10 6.06 -0.46
H94 AG7 B . 12.42 4.30 -1.27
H39 AG7 B . 12.98 6.92 -3.79
H192 AG7 B . 8.94 5.69 1.49
H41 AG7 B . 9.15 3.55 3.49
H42 AG7 B . 10.61 4.55 3.50
H51 AG7 B . 8.40 7.46 5.78
H52 AG7 B . 7.22 6.24 6.36
H53 AG7 B . 8.70 7.26 8.18
H54 AG7 B . 8.71 5.49 8.11
H56 AG7 B . 10.07 6.41 7.45
H77 AG7 B . 16.48 0.74 -0.44
H61 AG7 B . 15.46 1.99 -2.96
H79 AG7 B . 16.54 3.41 -1.78
H82 AG7 B . 18.47 1.90 -1.61
H84 AG7 B . 18.41 2.03 0.16
H85 AG7 B . 18.78 3.45 -0.81
H86 AG7 B . 15.28 4.18 0.17
H87 AG7 B . 16.99 4.73 0.23
H88 AG7 B . 16.45 3.35 1.22
H89 AG7 B . 13.98 7.79 -1.66
H90 AG7 B . 14.69 6.13 -1.82
H92 AG7 B . 12.38 7.08 -0.11
H93 AG7 B . 13.53 5.75 0.19
H8 AG7 B . 16.63 -2.12 -4.48
H5 AG7 B . 16.55 -2.71 -7.24
H6 AG7 B . 15.90 -1.42 -8.27
H7 AG7 B . 14.80 -2.49 -7.41
#